data_8SQG
#
_entry.id   8SQG
#
_cell.length_a   121.929
_cell.length_b   121.929
_cell.length_c   160.522
_cell.angle_alpha   90.000
_cell.angle_beta   90.000
_cell.angle_gamma   120.000
#
_symmetry.space_group_name_H-M   'P 65 2 2'
#
loop_
_entity.id
_entity.type
_entity.pdbx_description
1 polymer Beta-lactamase
2 non-polymer 'BICARBONATE ION'
3 non-polymer "(1M)-3'-(benzyloxy)-5-[2-(methylamino)-2-oxoethoxy][1,1'-biphenyl]-3,4'-dicarboxylic acid"
4 water water
#
_entity_poly.entity_id   1
_entity_poly.type   'polypeptide(L)'
_entity_poly.pdbx_seq_one_letter_code
;MRVLALSAVFLVASIIGMPAVAKEWQENKSWNAHFTEHKSQGVVVLWNENKQQGFTNNLKRANQAFLPASTF(KCX)IPN
SLIALDLGVVKDEHQVFKWDGQTRDIATWNRDHNLITAMKYSVVPVYQEFARQIGEARMSKMLHAFDYGNEDISGNVDSF
WLDGGIRISATEQISFLRKLYHNKLHVSERSQRIVKQAMLTEANGDYIIRAKTGYSTRIEPKIGWWVGWVELDDNVWFFA
MNMDMPTSDGLGLRQAITKEVLKQEKIIP
;
_entity_poly.pdbx_strand_id   B,A
#
loop_
_chem_comp.id
_chem_comp.type
_chem_comp.name
_chem_comp.formula
BCT non-polymer 'BICARBONATE ION' 'C H O3 -1'
X6Q non-polymer '(1M)-3'-(benzyloxy)-5-[2-(methylamino)-2-oxoethoxy][1,1'-biphenyl]-3,4'-dicarboxylic acid' 'C24 H21 N O7'
#
# COMPACT_ATOMS: atom_id res chain seq x y z
N GLU A 24 38.74 2.68 -12.59
CA GLU A 24 37.82 1.55 -12.67
C GLU A 24 36.37 1.98 -12.95
N TRP A 25 36.05 3.25 -12.73
CA TRP A 25 34.77 3.79 -13.14
C TRP A 25 35.01 4.99 -14.05
N GLN A 26 34.24 5.08 -15.13
CA GLN A 26 34.48 6.08 -16.16
C GLN A 26 33.14 6.59 -16.66
N GLU A 27 33.02 7.90 -16.84
CA GLU A 27 31.79 8.50 -17.30
C GLU A 27 31.84 8.72 -18.80
N ASN A 28 30.70 8.51 -19.46
CA ASN A 28 30.58 8.65 -20.91
C ASN A 28 29.28 9.38 -21.20
N LYS A 29 29.35 10.73 -21.24
CA LYS A 29 28.18 11.55 -21.47
C LYS A 29 27.60 11.39 -22.87
N SER A 30 28.29 10.70 -23.78
CA SER A 30 27.79 10.60 -25.15
C SER A 30 26.52 9.76 -25.22
N TRP A 31 26.36 8.77 -24.33
CA TRP A 31 25.13 7.97 -24.33
C TRP A 31 23.89 8.83 -24.09
N ASN A 32 24.05 9.99 -23.45
CA ASN A 32 22.90 10.87 -23.21
C ASN A 32 22.16 11.17 -24.52
N ALA A 33 22.89 11.15 -25.64
CA ALA A 33 22.25 11.34 -26.93
C ALA A 33 21.11 10.36 -27.14
N HIS A 34 21.24 9.14 -26.62
CA HIS A 34 20.19 8.14 -26.82
C HIS A 34 18.97 8.39 -25.94
N PHE A 35 19.17 8.91 -24.72
CA PHE A 35 18.04 9.35 -23.91
C PHE A 35 17.39 10.59 -24.50
N THR A 36 18.19 11.57 -24.92
CA THR A 36 17.65 12.81 -25.47
C THR A 36 16.88 12.54 -26.76
N GLU A 37 17.42 11.66 -27.60
CA GLU A 37 16.75 11.31 -28.85
C GLU A 37 15.31 10.87 -28.65
N HIS A 38 14.98 10.33 -27.48
CA HIS A 38 13.65 9.85 -27.19
C HIS A 38 12.94 10.66 -26.13
N LYS A 39 13.36 11.92 -25.94
CA LYS A 39 12.76 12.81 -24.95
C LYS A 39 12.69 12.12 -23.59
N SER A 40 13.80 11.48 -23.22
CA SER A 40 13.86 10.61 -22.06
C SER A 40 15.02 11.01 -21.18
N GLN A 41 14.96 10.57 -19.92
CA GLN A 41 16.01 10.82 -18.95
C GLN A 41 16.30 9.55 -18.16
N GLY A 42 17.59 9.26 -17.93
CA GLY A 42 17.93 8.11 -17.12
C GLY A 42 19.43 7.86 -17.10
N VAL A 43 19.78 6.65 -16.67
CA VAL A 43 21.17 6.24 -16.51
C VAL A 43 21.31 4.83 -17.06
N VAL A 44 22.43 4.56 -17.73
CA VAL A 44 22.87 3.21 -18.07
C VAL A 44 24.23 2.99 -17.44
N VAL A 45 24.37 1.87 -16.72
CA VAL A 45 25.63 1.46 -16.14
C VAL A 45 26.05 0.15 -16.77
N LEU A 46 27.30 0.08 -17.23
CA LEU A 46 27.89 -1.14 -17.78
C LEU A 46 29.10 -1.54 -16.98
N TRP A 47 29.34 -2.85 -16.88
CA TRP A 47 30.51 -3.38 -16.20
C TRP A 47 31.12 -4.48 -17.06
N ASN A 48 32.35 -4.26 -17.51
CA ASN A 48 33.10 -5.25 -18.28
C ASN A 48 33.74 -6.21 -17.30
N GLU A 49 33.25 -7.45 -17.27
CA GLU A 49 33.76 -8.37 -16.27
C GLU A 49 35.25 -8.65 -16.46
N ASN A 50 35.69 -8.82 -17.71
CA ASN A 50 37.08 -9.18 -17.97
C ASN A 50 38.04 -8.09 -17.52
N LYS A 51 37.80 -6.86 -17.96
CA LYS A 51 38.65 -5.72 -17.62
C LYS A 51 38.39 -5.19 -16.21
N GLN A 52 37.32 -5.62 -15.55
CA GLN A 52 36.98 -5.16 -14.20
C GLN A 52 36.88 -3.64 -14.13
N GLN A 53 36.12 -3.05 -15.05
CA GLN A 53 35.88 -1.62 -14.94
C GLN A 53 34.49 -1.28 -15.48
N GLY A 54 33.99 -0.13 -15.06
CA GLY A 54 32.63 0.28 -15.35
C GLY A 54 32.46 1.60 -16.08
N PHE A 55 31.29 1.79 -16.70
CA PHE A 55 30.98 2.93 -17.56
C PHE A 55 29.53 3.37 -17.34
N THR A 56 29.30 4.68 -17.32
CA THR A 56 27.94 5.18 -17.17
C THR A 56 27.84 6.61 -17.68
N ASN A 57 26.65 6.99 -18.13
CA ASN A 57 26.41 8.34 -18.61
C ASN A 57 26.08 9.33 -17.50
N ASN A 58 26.05 8.90 -16.23
CA ASN A 58 25.61 9.78 -15.15
C ASN A 58 26.04 9.11 -13.84
N LEU A 59 27.24 9.46 -13.38
CA LEU A 59 27.79 8.80 -12.19
C LEU A 59 26.92 9.04 -10.95
N LYS A 60 26.31 10.23 -10.84
CA LYS A 60 25.48 10.49 -9.68
C LYS A 60 24.24 9.62 -9.68
N ARG A 61 23.46 9.64 -10.77
CA ARG A 61 22.26 8.82 -10.84
C ARG A 61 22.60 7.33 -10.71
N ALA A 62 23.74 6.90 -11.27
CA ALA A 62 24.14 5.50 -11.18
C ALA A 62 24.17 5.02 -9.73
N ASN A 63 24.45 5.92 -8.79
CA ASN A 63 24.52 5.56 -7.38
C ASN A 63 23.33 6.03 -6.56
N GLN A 64 22.31 6.59 -7.19
CA GLN A 64 21.10 6.96 -6.47
C GLN A 64 20.15 5.76 -6.37
N ALA A 65 19.55 5.63 -5.20
CA ALA A 65 18.79 4.44 -4.83
C ALA A 65 17.31 4.66 -5.12
N PHE A 66 16.72 3.74 -5.89
CA PHE A 66 15.31 3.79 -6.25
C PHE A 66 14.62 2.54 -5.71
N LEU A 67 13.29 2.53 -5.77
CA LEU A 67 12.60 1.29 -5.53
C LEU A 67 13.04 0.29 -6.59
N PRO A 68 13.33 -0.96 -6.21
CA PRO A 68 13.69 -1.96 -7.24
C PRO A 68 12.51 -2.36 -8.10
N ALA A 69 11.28 -2.19 -7.61
CA ALA A 69 10.09 -2.69 -8.28
C ALA A 69 10.27 -4.15 -8.73
N SER A 70 9.85 -4.50 -9.96
CA SER A 70 9.89 -5.92 -10.31
C SER A 70 11.28 -6.45 -10.61
N THR A 71 12.33 -5.61 -10.62
CA THR A 71 13.67 -6.22 -10.61
C THR A 71 13.90 -6.97 -9.30
N PHE A 72 13.09 -6.69 -8.28
CA PHE A 72 13.18 -7.43 -7.04
C PHE A 72 12.80 -8.91 -7.21
N KCX A 73 12.19 -9.25 -8.34
CA KCX A 73 11.85 -10.66 -8.57
CB KCX A 73 10.99 -10.80 -9.84
CG KCX A 73 9.53 -10.28 -9.60
CD KCX A 73 8.60 -10.50 -10.77
CE KCX A 73 7.14 -10.14 -10.39
NZ KCX A 73 7.08 -8.68 -10.12
C KCX A 73 13.13 -11.54 -8.66
O KCX A 73 13.04 -12.74 -8.44
CX KCX A 73 7.08 -8.20 -8.89
OQ1 KCX A 73 7.09 -8.97 -7.92
OQ2 KCX A 73 7.06 -6.97 -8.71
N ILE A 74 14.30 -10.95 -8.90
CA ILE A 74 15.53 -11.75 -8.90
C ILE A 74 15.83 -12.23 -7.47
N PRO A 75 16.02 -11.34 -6.48
CA PRO A 75 16.21 -11.85 -5.12
C PRO A 75 15.01 -12.62 -4.57
N ASN A 76 13.79 -12.15 -4.85
CA ASN A 76 12.61 -12.86 -4.35
C ASN A 76 12.59 -14.30 -4.85
N SER A 77 12.90 -14.52 -6.14
CA SER A 77 12.98 -15.89 -6.67
C SER A 77 14.04 -16.71 -5.92
N LEU A 78 15.24 -16.14 -5.76
CA LEU A 78 16.32 -16.85 -5.08
C LEU A 78 15.88 -17.30 -3.69
N ILE A 79 15.20 -16.41 -2.96
CA ILE A 79 14.85 -16.70 -1.56
C ILE A 79 13.77 -17.76 -1.50
N ALA A 80 12.73 -17.62 -2.31
CA ALA A 80 11.65 -18.60 -2.34
C ALA A 80 12.19 -19.99 -2.69
N LEU A 81 13.11 -20.07 -3.65
CA LEU A 81 13.68 -21.36 -4.03
C LEU A 81 14.52 -21.97 -2.91
N ASP A 82 15.42 -21.17 -2.33
CA ASP A 82 16.29 -21.73 -1.32
C ASP A 82 15.53 -22.16 -0.08
N LEU A 83 14.43 -21.49 0.24
CA LEU A 83 13.62 -21.86 1.39
C LEU A 83 12.60 -22.95 1.08
N GLY A 84 12.51 -23.38 -0.17
CA GLY A 84 11.52 -24.38 -0.50
C GLY A 84 10.11 -23.87 -0.66
N VAL A 85 9.89 -22.55 -0.57
CA VAL A 85 8.57 -21.99 -0.91
C VAL A 85 8.22 -22.37 -2.35
N VAL A 86 9.20 -22.29 -3.25
CA VAL A 86 9.06 -22.75 -4.61
C VAL A 86 9.94 -23.99 -4.76
N LYS A 87 9.36 -25.10 -5.23
CA LYS A 87 10.14 -26.34 -5.30
C LYS A 87 11.07 -26.38 -6.51
N ASP A 88 10.63 -25.85 -7.65
CA ASP A 88 11.48 -25.75 -8.83
C ASP A 88 10.78 -24.85 -9.84
N GLU A 89 11.42 -24.69 -11.01
CA GLU A 89 10.93 -23.80 -12.04
C GLU A 89 9.69 -24.33 -12.76
N HIS A 90 9.26 -25.56 -12.48
CA HIS A 90 8.08 -26.14 -13.09
C HIS A 90 6.84 -26.08 -12.22
N GLN A 91 6.99 -25.82 -10.93
CA GLN A 91 5.85 -25.83 -10.03
C GLN A 91 4.82 -24.80 -10.49
N VAL A 92 3.55 -25.21 -10.58
CA VAL A 92 2.52 -24.34 -11.15
C VAL A 92 1.83 -23.57 -10.04
N PHE A 93 1.68 -22.26 -10.25
CA PHE A 93 0.97 -21.37 -9.34
C PHE A 93 -0.34 -21.00 -10.01
N LYS A 94 -1.41 -21.65 -9.56
CA LYS A 94 -2.72 -21.52 -10.20
C LYS A 94 -3.26 -20.11 -10.10
N TRP A 95 -3.80 -19.62 -11.21
CA TRP A 95 -4.50 -18.33 -11.20
C TRP A 95 -5.63 -18.36 -10.17
N ASP A 96 -5.75 -17.29 -9.40
CA ASP A 96 -6.77 -17.27 -8.35
C ASP A 96 -8.15 -16.89 -8.86
N GLY A 97 -8.34 -16.73 -10.17
CA GLY A 97 -9.63 -16.38 -10.69
C GLY A 97 -9.98 -14.92 -10.68
N GLN A 98 -9.24 -14.07 -9.95
CA GLN A 98 -9.45 -12.64 -10.02
C GLN A 98 -8.99 -12.12 -11.38
N THR A 99 -9.88 -11.47 -12.13
CA THR A 99 -9.48 -10.95 -13.44
C THR A 99 -8.85 -9.57 -13.24
N ARG A 100 -7.53 -9.51 -13.43
CA ARG A 100 -6.77 -8.29 -13.19
C ARG A 100 -6.54 -7.55 -14.49
N ASP A 101 -5.91 -6.38 -14.37
CA ASP A 101 -5.80 -5.47 -15.50
C ASP A 101 -4.87 -6.00 -16.58
N ILE A 102 -3.94 -6.88 -16.22
CA ILE A 102 -2.95 -7.37 -17.17
C ILE A 102 -3.34 -8.78 -17.60
N ALA A 103 -3.65 -8.93 -18.89
CA ALA A 103 -4.16 -10.20 -19.38
C ALA A 103 -3.21 -11.35 -19.04
N THR A 104 -1.90 -11.16 -19.28
CA THR A 104 -0.97 -12.26 -19.05
C THR A 104 -0.93 -12.67 -17.58
N TRP A 105 -1.46 -11.86 -16.67
CA TRP A 105 -1.55 -12.26 -15.27
C TRP A 105 -2.72 -13.21 -15.00
N ASN A 106 -3.73 -13.23 -15.87
CA ASN A 106 -4.95 -14.00 -15.61
C ASN A 106 -4.78 -15.40 -16.20
N ARG A 107 -3.84 -16.14 -15.61
CA ARG A 107 -3.56 -17.51 -16.07
C ARG A 107 -2.65 -18.17 -15.05
N ASP A 108 -2.45 -19.48 -15.22
CA ASP A 108 -1.52 -20.23 -14.40
C ASP A 108 -0.10 -19.82 -14.77
N HIS A 109 0.81 -19.86 -13.80
CA HIS A 109 2.20 -19.55 -14.04
C HIS A 109 3.10 -20.53 -13.32
N ASN A 110 4.33 -20.67 -13.84
CA ASN A 110 5.45 -21.24 -13.10
C ASN A 110 6.45 -20.11 -12.85
N LEU A 111 7.61 -20.45 -12.28
CA LEU A 111 8.59 -19.42 -11.97
C LEU A 111 9.09 -18.72 -13.24
N ILE A 112 9.29 -19.49 -14.32
CA ILE A 112 9.77 -18.90 -15.58
C ILE A 112 8.77 -17.87 -16.11
N THR A 113 7.49 -18.25 -16.23
CA THR A 113 6.53 -17.33 -16.84
C THR A 113 6.15 -16.20 -15.90
N ALA A 114 6.11 -16.48 -14.60
CA ALA A 114 5.84 -15.41 -13.64
C ALA A 114 6.92 -14.33 -13.70
N MET A 115 8.20 -14.73 -13.83
CA MET A 115 9.26 -13.74 -14.01
CA MET A 115 9.22 -13.70 -13.99
C MET A 115 9.09 -12.98 -15.33
N LYS A 116 8.84 -13.72 -16.42
CA LYS A 116 8.77 -13.11 -17.74
C LYS A 116 7.67 -12.05 -17.83
N TYR A 117 6.52 -12.31 -17.21
CA TYR A 117 5.39 -11.40 -17.31
C TYR A 117 5.23 -10.54 -16.06
N SER A 118 6.27 -10.49 -15.22
CA SER A 118 6.27 -9.70 -14.00
C SER A 118 4.98 -9.89 -13.21
N VAL A 119 4.63 -11.15 -12.92
CA VAL A 119 3.34 -11.44 -12.30
C VAL A 119 3.43 -11.12 -10.81
N VAL A 120 3.19 -9.84 -10.47
CA VAL A 120 3.26 -9.39 -9.09
C VAL A 120 2.50 -10.31 -8.13
N PRO A 121 1.25 -10.72 -8.41
CA PRO A 121 0.51 -11.45 -7.36
C PRO A 121 1.11 -12.81 -7.04
N VAL A 122 1.80 -13.46 -8.00
CA VAL A 122 2.53 -14.69 -7.69
C VAL A 122 3.66 -14.38 -6.70
N TYR A 123 4.43 -13.33 -6.96
CA TYR A 123 5.54 -13.02 -6.07
C TYR A 123 5.06 -12.47 -4.73
N GLN A 124 3.90 -11.82 -4.68
CA GLN A 124 3.34 -11.43 -3.40
C GLN A 124 3.05 -12.66 -2.53
N GLU A 125 2.54 -13.73 -3.15
CA GLU A 125 2.34 -14.96 -2.39
C GLU A 125 3.68 -15.52 -1.90
N PHE A 126 4.73 -15.53 -2.75
CA PHE A 126 6.05 -15.93 -2.29
C PHE A 126 6.47 -15.15 -1.06
N ALA A 127 6.34 -13.83 -1.13
CA ALA A 127 6.80 -12.97 -0.04
C ALA A 127 6.01 -13.23 1.24
N ARG A 128 4.69 -13.43 1.13
CA ARG A 128 3.91 -13.76 2.33
C ARG A 128 4.39 -15.08 2.94
N GLN A 129 4.65 -16.09 2.10
CA GLN A 129 5.19 -17.36 2.59
C GLN A 129 6.57 -17.20 3.20
N ILE A 130 7.42 -16.36 2.59
CA ILE A 130 8.75 -16.17 3.13
C ILE A 130 8.68 -15.56 4.53
N GLY A 131 7.92 -14.49 4.68
CA GLY A 131 7.79 -13.82 5.96
C GLY A 131 8.86 -12.76 6.18
N GLU A 132 8.54 -11.82 7.08
CA GLU A 132 9.37 -10.64 7.26
C GLU A 132 10.74 -11.01 7.83
N ALA A 133 10.79 -11.90 8.82
CA ALA A 133 12.06 -12.26 9.43
C ALA A 133 13.01 -12.89 8.42
N ARG A 134 12.56 -13.94 7.73
CA ARG A 134 13.41 -14.60 6.74
CA ARG A 134 13.41 -14.59 6.76
C ARG A 134 13.78 -13.65 5.61
N MET A 135 12.82 -12.80 5.18
CA MET A 135 13.09 -11.92 4.05
C MET A 135 14.20 -10.94 4.41
N SER A 136 14.10 -10.33 5.59
CA SER A 136 15.11 -9.37 6.04
C SER A 136 16.46 -10.04 6.23
N LYS A 137 16.48 -11.22 6.87
CA LYS A 137 17.72 -11.95 7.04
C LYS A 137 18.39 -12.25 5.69
N MET A 138 17.58 -12.64 4.69
CA MET A 138 18.15 -12.98 3.39
C MET A 138 18.74 -11.75 2.71
N LEU A 139 17.98 -10.65 2.67
CA LEU A 139 18.47 -9.45 2.00
C LEU A 139 19.72 -8.91 2.69
N HIS A 140 19.81 -9.04 4.01
CA HIS A 140 21.05 -8.73 4.71
C HIS A 140 22.17 -9.65 4.22
N ALA A 141 21.89 -10.94 4.10
CA ALA A 141 22.92 -11.87 3.61
C ALA A 141 23.33 -11.54 2.18
N PHE A 142 22.39 -11.05 1.34
CA PHE A 142 22.69 -10.67 -0.03
C PHE A 142 23.41 -9.35 -0.17
N ASP A 143 23.50 -8.55 0.90
CA ASP A 143 23.93 -7.15 0.79
C ASP A 143 23.11 -6.39 -0.25
N TYR A 144 21.82 -6.65 -0.30
CA TYR A 144 20.98 -6.12 -1.37
C TYR A 144 20.51 -4.71 -1.02
N GLY A 145 20.98 -3.73 -1.78
CA GLY A 145 20.54 -2.35 -1.59
C GLY A 145 20.69 -1.89 -0.16
N ASN A 146 19.71 -1.12 0.32
CA ASN A 146 19.72 -0.65 1.70
C ASN A 146 19.21 -1.71 2.67
N GLU A 147 18.95 -2.93 2.18
CA GLU A 147 18.59 -4.07 3.03
C GLU A 147 17.35 -3.81 3.90
N ASP A 148 16.50 -2.87 3.51
CA ASP A 148 15.40 -2.37 4.33
C ASP A 148 14.08 -2.90 3.78
N ILE A 149 13.37 -3.75 4.54
CA ILE A 149 12.09 -4.27 4.08
C ILE A 149 10.89 -3.53 4.69
N SER A 150 11.11 -2.37 5.31
CA SER A 150 10.02 -1.66 5.96
C SER A 150 8.89 -1.38 4.96
N GLY A 151 7.65 -1.54 5.43
CA GLY A 151 6.51 -1.49 4.55
C GLY A 151 5.76 -2.80 4.65
N ASN A 152 4.95 -3.12 3.65
CA ASN A 152 4.18 -4.36 3.69
C ASN A 152 5.02 -5.55 3.22
N VAL A 153 4.86 -6.67 3.91
CA VAL A 153 5.62 -7.88 3.59
C VAL A 153 5.49 -8.26 2.12
N ASP A 154 4.34 -7.98 1.50
CA ASP A 154 4.14 -8.42 0.12
C ASP A 154 4.09 -7.26 -0.88
N SER A 155 4.67 -6.11 -0.56
CA SER A 155 4.74 -5.04 -1.55
C SER A 155 5.88 -4.06 -1.28
N PHE A 156 6.73 -4.35 -0.29
CA PHE A 156 7.73 -3.36 0.12
C PHE A 156 8.67 -3.00 -1.04
N TRP A 157 8.89 -3.91 -1.98
CA TRP A 157 9.74 -3.60 -3.12
C TRP A 157 9.04 -2.71 -4.15
N LEU A 158 7.72 -2.53 -4.03
CA LEU A 158 7.00 -1.59 -4.90
C LEU A 158 6.58 -0.30 -4.20
N ASP A 159 6.36 -0.32 -2.89
CA ASP A 159 5.95 0.92 -2.24
C ASP A 159 6.42 0.99 -0.80
N GLY A 160 7.39 0.17 -0.41
CA GLY A 160 7.96 0.19 0.91
C GLY A 160 9.26 0.95 0.95
N GLY A 161 10.12 0.57 1.89
CA GLY A 161 11.35 1.28 2.16
C GLY A 161 12.61 0.75 1.51
N ILE A 162 12.54 -0.35 0.77
CA ILE A 162 13.73 -0.86 0.11
C ILE A 162 14.14 0.05 -1.03
N ARG A 163 15.44 0.21 -1.21
CA ARG A 163 16.00 1.05 -2.26
C ARG A 163 17.28 0.40 -2.77
N ILE A 164 17.55 0.56 -4.05
CA ILE A 164 18.79 0.04 -4.63
C ILE A 164 19.20 0.93 -5.79
N SER A 165 20.51 1.11 -5.95
CA SER A 165 21.04 1.86 -7.06
C SER A 165 21.38 0.93 -8.22
N ALA A 166 21.54 1.53 -9.40
CA ALA A 166 21.99 0.78 -10.57
C ALA A 166 23.35 0.13 -10.30
N THR A 167 24.26 0.84 -9.64
CA THR A 167 25.55 0.27 -9.30
CA THR A 167 25.54 0.22 -9.35
C THR A 167 25.40 -0.89 -8.31
N GLU A 168 24.47 -0.74 -7.37
CA GLU A 168 24.25 -1.82 -6.40
C GLU A 168 23.58 -3.02 -7.07
N GLN A 169 22.77 -2.77 -8.12
CA GLN A 169 22.21 -3.88 -8.90
C GLN A 169 23.31 -4.70 -9.56
N ILE A 170 24.32 -4.04 -10.12
CA ILE A 170 25.42 -4.79 -10.74
C ILE A 170 26.21 -5.61 -9.71
N SER A 171 26.53 -5.02 -8.56
CA SER A 171 27.24 -5.79 -7.53
C SER A 171 26.46 -7.04 -7.16
N PHE A 172 25.13 -6.91 -7.01
CA PHE A 172 24.30 -8.07 -6.73
C PHE A 172 24.32 -9.06 -7.90
N LEU A 173 24.24 -8.55 -9.12
CA LEU A 173 24.16 -9.41 -10.29
C LEU A 173 25.48 -10.16 -10.50
N ARG A 174 26.60 -9.57 -10.09
CA ARG A 174 27.90 -10.25 -10.24
C ARG A 174 28.01 -11.41 -9.27
N LYS A 175 27.58 -11.23 -8.02
CA LYS A 175 27.53 -12.37 -7.12
C LYS A 175 26.67 -13.47 -7.72
N LEU A 176 25.49 -13.11 -8.26
CA LEU A 176 24.60 -14.11 -8.87
C LEU A 176 25.29 -14.85 -10.01
N TYR A 177 25.87 -14.11 -10.97
CA TYR A 177 26.57 -14.75 -12.08
C TYR A 177 27.62 -15.76 -11.61
N HIS A 178 28.34 -15.46 -10.53
CA HIS A 178 29.42 -16.31 -10.05
C HIS A 178 28.99 -17.29 -8.96
N ASN A 179 27.69 -17.39 -8.68
CA ASN A 179 27.16 -18.35 -7.71
C ASN A 179 27.72 -18.12 -6.31
N LYS A 180 28.02 -16.86 -5.99
CA LYS A 180 28.56 -16.46 -4.70
C LYS A 180 27.50 -16.05 -3.68
N LEU A 181 26.24 -15.85 -4.08
CA LEU A 181 25.25 -15.49 -3.08
C LEU A 181 25.05 -16.64 -2.11
N HIS A 182 24.58 -16.31 -0.90
CA HIS A 182 24.51 -17.27 0.20
C HIS A 182 23.52 -18.41 0.00
N VAL A 183 22.73 -18.38 -1.06
CA VAL A 183 21.75 -19.44 -1.29
C VAL A 183 22.44 -20.55 -2.08
N SER A 184 21.76 -21.69 -2.26
CA SER A 184 22.37 -22.81 -2.96
C SER A 184 22.75 -22.42 -4.38
N GLU A 185 23.79 -23.07 -4.91
CA GLU A 185 24.13 -22.89 -6.31
C GLU A 185 22.92 -23.25 -7.17
N ARG A 186 22.16 -24.26 -6.75
CA ARG A 186 20.96 -24.65 -7.47
C ARG A 186 19.99 -23.49 -7.62
N SER A 187 19.69 -22.80 -6.51
CA SER A 187 18.79 -21.65 -6.56
C SER A 187 19.29 -20.61 -7.55
N GLN A 188 20.60 -20.31 -7.52
CA GLN A 188 21.17 -19.31 -8.42
C GLN A 188 21.09 -19.74 -9.88
N ARG A 189 21.31 -21.04 -10.16
CA ARG A 189 21.20 -21.50 -11.55
C ARG A 189 19.76 -21.44 -12.05
N ILE A 190 18.79 -21.79 -11.20
CA ILE A 190 17.40 -21.72 -11.62
C ILE A 190 17.03 -20.27 -11.95
N VAL A 191 17.43 -19.32 -11.10
CA VAL A 191 17.05 -17.93 -11.32
C VAL A 191 17.73 -17.38 -12.58
N LYS A 192 18.99 -17.76 -12.83
CA LYS A 192 19.63 -17.30 -14.05
C LYS A 192 18.98 -17.89 -15.28
N GLN A 193 18.49 -19.13 -15.20
CA GLN A 193 17.70 -19.67 -16.31
C GLN A 193 16.41 -18.87 -16.51
N ALA A 194 15.70 -18.57 -15.42
CA ALA A 194 14.45 -17.82 -15.52
C ALA A 194 14.67 -16.41 -16.05
N MET A 195 15.86 -15.86 -15.85
CA MET A 195 16.15 -14.52 -16.34
C MET A 195 16.40 -14.49 -17.84
N LEU A 196 16.49 -15.64 -18.50
CA LEU A 196 16.76 -15.66 -19.93
C LEU A 196 15.74 -14.82 -20.66
N THR A 197 16.23 -13.87 -21.45
CA THR A 197 15.35 -12.96 -22.17
C THR A 197 15.50 -13.06 -23.67
N GLU A 198 16.73 -13.29 -24.17
CA GLU A 198 16.98 -13.23 -25.60
C GLU A 198 18.30 -13.92 -25.87
N ALA A 199 18.37 -14.61 -27.00
CA ALA A 199 19.60 -15.30 -27.36
C ALA A 199 19.61 -15.57 -28.85
N ASN A 200 20.77 -15.39 -29.47
CA ASN A 200 21.01 -15.86 -30.83
C ASN A 200 22.48 -16.22 -30.95
N GLY A 201 22.95 -16.37 -32.19
CA GLY A 201 24.35 -16.68 -32.43
C GLY A 201 25.33 -15.65 -31.90
N ASP A 202 24.88 -14.42 -31.61
CA ASP A 202 25.78 -13.33 -31.23
C ASP A 202 25.86 -13.10 -29.73
N TYR A 203 24.75 -13.28 -29.00
CA TYR A 203 24.78 -12.93 -27.58
C TYR A 203 23.66 -13.66 -26.86
N ILE A 204 23.76 -13.64 -25.53
CA ILE A 204 22.69 -14.07 -24.63
C ILE A 204 22.44 -12.92 -23.66
N ILE A 205 21.18 -12.52 -23.54
CA ILE A 205 20.78 -11.55 -22.52
C ILE A 205 19.98 -12.28 -21.45
N ARG A 206 20.46 -12.21 -20.22
CA ARG A 206 19.70 -12.59 -19.04
C ARG A 206 19.37 -11.29 -18.29
N ALA A 207 18.09 -11.02 -18.09
CA ALA A 207 17.75 -9.69 -17.59
C ALA A 207 16.39 -9.74 -16.91
N LYS A 208 16.06 -8.64 -16.22
CA LYS A 208 14.75 -8.51 -15.60
C LYS A 208 14.31 -7.05 -15.71
N THR A 209 13.14 -6.83 -16.28
CA THR A 209 12.55 -5.50 -16.30
C THR A 209 11.96 -5.13 -14.94
N GLY A 210 11.74 -3.82 -14.77
CA GLY A 210 11.02 -3.32 -13.62
C GLY A 210 10.27 -2.06 -14.02
N TYR A 211 9.15 -1.81 -13.34
CA TYR A 211 8.29 -0.65 -13.62
C TYR A 211 7.77 -0.18 -12.27
N SER A 212 8.33 0.92 -11.78
CA SER A 212 8.02 1.47 -10.46
C SER A 212 7.04 2.62 -10.64
N THR A 213 5.76 2.41 -10.27
CA THR A 213 4.75 3.45 -10.41
C THR A 213 4.07 3.88 -9.13
N ARG A 214 4.32 3.21 -8.01
CA ARG A 214 3.53 3.49 -6.83
C ARG A 214 4.02 4.70 -6.08
N ILE A 215 5.31 5.03 -6.22
CA ILE A 215 5.96 6.12 -5.50
C ILE A 215 6.79 6.91 -6.51
N GLU A 216 6.79 8.23 -6.36
CA GLU A 216 7.53 9.03 -7.32
C GLU A 216 9.02 8.98 -7.00
N PRO A 217 9.87 9.08 -8.03
CA PRO A 217 9.56 9.27 -9.45
C PRO A 217 9.24 7.95 -10.13
N LYS A 218 8.22 7.92 -10.99
CA LYS A 218 7.96 6.72 -11.77
C LYS A 218 9.14 6.44 -12.70
N ILE A 219 9.71 5.23 -12.58
CA ILE A 219 10.84 4.82 -13.40
C ILE A 219 10.62 3.43 -13.97
N GLY A 220 11.32 3.18 -15.08
CA GLY A 220 11.45 1.85 -15.65
C GLY A 220 12.86 1.37 -15.38
N TRP A 221 13.03 0.06 -15.20
CA TRP A 221 14.33 -0.55 -14.97
C TRP A 221 14.58 -1.62 -16.03
N TRP A 222 15.86 -1.88 -16.30
CA TRP A 222 16.25 -3.13 -16.94
C TRP A 222 17.65 -3.45 -16.44
N VAL A 223 17.80 -4.60 -15.79
CA VAL A 223 19.05 -5.00 -15.19
C VAL A 223 19.36 -6.43 -15.59
N GLY A 224 20.63 -6.75 -15.69
CA GLY A 224 21.01 -8.08 -16.14
C GLY A 224 22.41 -8.03 -16.73
N TRP A 225 22.65 -8.91 -17.70
CA TRP A 225 23.95 -8.94 -18.36
C TRP A 225 23.82 -9.49 -19.76
N VAL A 226 24.85 -9.21 -20.56
CA VAL A 226 24.97 -9.70 -21.92
C VAL A 226 26.13 -10.67 -21.94
N GLU A 227 25.85 -11.93 -22.30
CA GLU A 227 26.88 -12.96 -22.37
C GLU A 227 27.43 -13.01 -23.78
N LEU A 228 28.74 -12.85 -23.92
CA LEU A 228 29.46 -13.03 -25.17
C LEU A 228 30.28 -14.32 -25.11
N ASP A 229 30.88 -14.68 -26.24
CA ASP A 229 31.74 -15.86 -26.29
C ASP A 229 32.82 -15.84 -25.21
N ASP A 230 33.52 -14.71 -25.06
CA ASP A 230 34.67 -14.68 -24.16
C ASP A 230 34.61 -13.56 -23.11
N ASN A 231 33.42 -13.03 -22.83
CA ASN A 231 33.27 -11.96 -21.82
C ASN A 231 31.79 -11.88 -21.45
N VAL A 232 31.51 -11.22 -20.32
CA VAL A 232 30.15 -10.86 -19.98
C VAL A 232 30.13 -9.39 -19.59
N TRP A 233 29.11 -8.68 -20.09
CA TRP A 233 28.87 -7.27 -19.82
C TRP A 233 27.63 -7.15 -18.95
N PHE A 234 27.82 -6.84 -17.68
CA PHE A 234 26.68 -6.56 -16.80
C PHE A 234 26.13 -5.17 -17.08
N PHE A 235 24.82 -5.01 -16.87
CA PHE A 235 24.18 -3.73 -17.14
C PHE A 235 23.07 -3.51 -16.12
N ALA A 236 22.83 -2.23 -15.83
CA ALA A 236 21.70 -1.82 -15.01
C ALA A 236 21.31 -0.44 -15.48
N MET A 237 20.06 -0.30 -15.94
CA MET A 237 19.56 0.99 -16.36
C MET A 237 18.24 1.30 -15.63
N ASN A 238 18.04 2.59 -15.34
CA ASN A 238 16.72 3.09 -15.00
C ASN A 238 16.51 4.42 -15.71
N MET A 239 15.23 4.75 -15.92
CA MET A 239 14.85 5.92 -16.68
C MET A 239 13.48 6.40 -16.21
N ASP A 240 13.25 7.71 -16.31
CA ASP A 240 11.96 8.26 -15.98
C ASP A 240 10.89 7.69 -16.91
N MET A 241 9.75 7.35 -16.33
CA MET A 241 8.70 6.60 -17.02
C MET A 241 7.36 7.17 -16.58
N PRO A 242 6.99 8.35 -17.09
CA PRO A 242 5.70 8.95 -16.66
C PRO A 242 4.51 8.20 -17.21
N THR A 243 4.66 7.49 -18.32
CA THR A 243 3.56 6.75 -18.91
C THR A 243 4.04 5.36 -19.27
N SER A 244 3.10 4.41 -19.28
CA SER A 244 3.44 3.06 -19.67
C SER A 244 3.73 2.94 -21.16
N ASP A 245 3.39 3.98 -21.95
CA ASP A 245 3.61 3.90 -23.40
C ASP A 245 5.08 3.82 -23.76
N GLY A 246 5.97 4.32 -22.90
CA GLY A 246 7.39 4.31 -23.22
C GLY A 246 8.17 3.13 -22.68
N LEU A 247 7.48 2.05 -22.30
CA LEU A 247 8.15 0.95 -21.60
C LEU A 247 9.21 0.29 -22.50
N GLY A 248 8.92 0.18 -23.80
CA GLY A 248 9.89 -0.39 -24.73
C GLY A 248 11.19 0.37 -24.82
N LEU A 249 11.23 1.62 -24.35
CA LEU A 249 12.48 2.37 -24.38
C LEU A 249 13.54 1.79 -23.46
N ARG A 250 13.13 1.06 -22.41
CA ARG A 250 14.11 0.43 -21.52
C ARG A 250 15.08 -0.41 -22.33
N GLN A 251 14.56 -1.31 -23.14
CA GLN A 251 15.41 -2.19 -23.94
C GLN A 251 16.04 -1.44 -25.11
N ALA A 252 15.24 -0.60 -25.79
CA ALA A 252 15.73 0.13 -26.97
C ALA A 252 16.96 0.98 -26.63
N ILE A 253 16.87 1.81 -25.61
CA ILE A 253 17.99 2.68 -25.27
C ILE A 253 19.18 1.85 -24.79
N THR A 254 18.90 0.79 -24.03
CA THR A 254 20.00 -0.06 -23.60
C THR A 254 20.70 -0.68 -24.80
N LYS A 255 19.91 -1.13 -25.79
CA LYS A 255 20.53 -1.76 -26.95
C LYS A 255 21.36 -0.76 -27.76
N GLU A 256 20.85 0.46 -27.93
CA GLU A 256 21.63 1.48 -28.64
C GLU A 256 22.98 1.72 -27.96
N VAL A 257 22.97 1.82 -26.63
CA VAL A 257 24.24 1.93 -25.90
C VAL A 257 25.12 0.72 -26.17
N LEU A 258 24.54 -0.47 -26.11
CA LEU A 258 25.32 -1.68 -26.37
C LEU A 258 25.93 -1.66 -27.77
N LYS A 259 25.15 -1.23 -28.76
CA LYS A 259 25.64 -1.14 -30.12
C LYS A 259 26.75 -0.09 -30.25
N GLN A 260 26.53 1.10 -29.69
CA GLN A 260 27.58 2.13 -29.67
C GLN A 260 28.90 1.55 -29.15
N GLU A 261 28.83 0.75 -28.10
CA GLU A 261 30.03 0.18 -27.51
C GLU A 261 30.50 -1.09 -28.21
N LYS A 262 29.89 -1.46 -29.33
CA LYS A 262 30.28 -2.64 -30.11
C LYS A 262 30.18 -3.92 -29.27
N ILE A 263 29.24 -3.97 -28.34
CA ILE A 263 29.02 -5.17 -27.55
C ILE A 263 28.07 -6.12 -28.27
N ILE A 264 27.05 -5.59 -28.92
CA ILE A 264 26.16 -6.38 -29.76
C ILE A 264 26.18 -5.76 -31.14
N PRO A 265 25.86 -6.54 -32.20
CA PRO A 265 25.87 -5.98 -33.54
C PRO A 265 24.70 -5.05 -33.77
N TRP B 25 -27.10 21.59 0.31
CA TRP B 25 -26.35 21.98 1.51
C TRP B 25 -26.68 23.39 1.99
N GLN B 26 -26.49 23.64 3.28
CA GLN B 26 -26.75 24.95 3.87
C GLN B 26 -25.81 25.15 5.03
N GLU B 27 -25.30 26.37 5.17
CA GLU B 27 -24.42 26.71 6.28
C GLU B 27 -25.22 27.36 7.39
N ASN B 28 -24.87 27.05 8.62
CA ASN B 28 -25.59 27.51 9.80
C ASN B 28 -24.51 27.86 10.81
N LYS B 29 -24.11 29.14 10.82
CA LYS B 29 -22.98 29.57 11.63
C LYS B 29 -23.29 29.62 13.13
N SER B 30 -24.56 29.48 13.52
CA SER B 30 -24.87 29.54 14.94
C SER B 30 -24.17 28.42 15.71
N TRP B 31 -23.98 27.26 15.07
CA TRP B 31 -23.38 26.14 15.78
C TRP B 31 -21.99 26.47 16.28
N ASN B 32 -21.31 27.45 15.66
CA ASN B 32 -19.98 27.85 16.10
C ASN B 32 -19.95 28.18 17.58
N ALA B 33 -21.08 28.61 18.14
CA ALA B 33 -21.13 28.96 19.57
C ALA B 33 -20.81 27.76 20.45
N HIS B 34 -21.20 26.56 20.01
CA HIS B 34 -20.94 25.37 20.82
C HIS B 34 -19.45 25.05 20.85
N PHE B 35 -18.76 25.26 19.73
CA PHE B 35 -17.30 25.17 19.73
C PHE B 35 -16.70 26.29 20.59
N THR B 36 -17.20 27.53 20.41
CA THR B 36 -16.69 28.69 21.14
C THR B 36 -16.81 28.50 22.64
N GLU B 37 -18.02 28.21 23.12
CA GLU B 37 -18.25 28.08 24.56
C GLU B 37 -17.27 27.11 25.20
N HIS B 38 -16.85 26.08 24.47
CA HIS B 38 -15.93 25.08 24.97
C HIS B 38 -14.50 25.33 24.53
N LYS B 39 -14.23 26.51 23.95
CA LYS B 39 -12.87 26.93 23.59
C LYS B 39 -12.25 25.98 22.58
N SER B 40 -13.01 25.61 21.55
CA SER B 40 -12.62 24.59 20.59
C SER B 40 -12.94 25.08 19.19
N GLN B 41 -12.46 24.36 18.19
CA GLN B 41 -12.80 24.68 16.81
C GLN B 41 -12.94 23.38 16.01
N GLY B 42 -13.84 23.40 15.04
CA GLY B 42 -14.11 22.19 14.29
C GLY B 42 -15.33 22.37 13.41
N VAL B 43 -15.85 21.23 12.94
CA VAL B 43 -16.97 21.21 12.01
C VAL B 43 -17.94 20.12 12.46
N VAL B 44 -19.23 20.41 12.34
CA VAL B 44 -20.28 19.41 12.47
C VAL B 44 -21.08 19.46 11.19
N VAL B 45 -21.33 18.29 10.61
CA VAL B 45 -22.13 18.15 9.40
C VAL B 45 -23.32 17.26 9.70
N LEU B 46 -24.52 17.72 9.35
CA LEU B 46 -25.74 16.93 9.50
C LEU B 46 -26.35 16.69 8.13
N TRP B 47 -27.01 15.55 7.98
CA TRP B 47 -27.71 15.24 6.75
C TRP B 47 -29.08 14.69 7.10
N ASN B 48 -30.13 15.39 6.67
CA ASN B 48 -31.51 14.98 6.89
C ASN B 48 -31.89 14.03 5.76
N GLU B 49 -32.04 12.75 6.09
CA GLU B 49 -32.23 11.76 5.03
C GLU B 49 -33.57 11.94 4.33
N ASN B 50 -34.64 12.22 5.09
CA ASN B 50 -35.94 12.37 4.46
C ASN B 50 -35.95 13.54 3.49
N LYS B 51 -35.39 14.66 3.91
CA LYS B 51 -35.40 15.87 3.08
C LYS B 51 -34.28 15.90 2.06
N GLN B 52 -33.26 15.06 2.22
CA GLN B 52 -32.10 15.09 1.34
C GLN B 52 -31.46 16.47 1.35
N GLN B 53 -31.22 17.00 2.54
CA GLN B 53 -30.57 18.30 2.71
C GLN B 53 -29.53 18.21 3.79
N GLY B 54 -28.39 18.86 3.57
CA GLY B 54 -27.30 18.86 4.52
C GLY B 54 -27.10 20.21 5.16
N PHE B 55 -26.47 20.22 6.33
CA PHE B 55 -26.28 21.42 7.14
C PHE B 55 -24.92 21.33 7.82
N THR B 56 -24.24 22.47 7.95
CA THR B 56 -22.96 22.50 8.63
C THR B 56 -22.63 23.93 9.01
N ASN B 57 -21.81 24.07 10.04
CA ASN B 57 -21.32 25.37 10.49
C ASN B 57 -20.16 25.90 9.66
N ASN B 58 -19.59 25.09 8.76
CA ASN B 58 -18.33 25.46 8.09
C ASN B 58 -18.19 24.56 6.85
N LEU B 59 -18.73 25.03 5.74
CA LEU B 59 -18.71 24.25 4.51
C LEU B 59 -17.28 23.93 4.07
N LYS B 60 -16.34 24.83 4.32
CA LYS B 60 -14.94 24.58 3.95
C LYS B 60 -14.35 23.42 4.74
N ARG B 61 -14.38 23.51 6.07
CA ARG B 61 -13.87 22.42 6.90
C ARG B 61 -14.67 21.15 6.71
N ALA B 62 -15.96 21.28 6.40
CA ALA B 62 -16.78 20.10 6.12
C ALA B 62 -16.24 19.30 4.94
N ASN B 63 -15.55 19.96 4.00
CA ASN B 63 -14.99 19.29 2.84
C ASN B 63 -13.48 19.12 2.93
N GLN B 64 -12.88 19.47 4.07
CA GLN B 64 -11.45 19.25 4.27
C GLN B 64 -11.18 17.81 4.67
N ALA B 65 -10.32 17.14 3.91
CA ALA B 65 -10.06 15.71 4.09
C ALA B 65 -8.93 15.52 5.09
N PHE B 66 -9.21 14.77 6.15
CA PHE B 66 -8.24 14.45 7.20
C PHE B 66 -7.97 12.95 7.25
N LEU B 67 -6.97 12.57 8.05
CA LEU B 67 -6.81 11.17 8.39
C LEU B 67 -8.07 10.66 9.09
N PRO B 68 -8.62 9.50 8.69
CA PRO B 68 -9.81 8.99 9.40
C PRO B 68 -9.53 8.54 10.82
N ALA B 69 -8.27 8.19 11.16
CA ALA B 69 -7.97 7.55 12.43
C ALA B 69 -8.97 6.41 12.68
N SER B 70 -9.39 6.20 13.93
CA SER B 70 -10.20 5.00 14.24
C SER B 70 -11.60 5.01 13.64
N THR B 71 -12.07 6.09 13.00
CA THR B 71 -13.30 5.92 12.22
C THR B 71 -13.10 4.99 11.04
N PHE B 72 -11.85 4.68 10.70
CA PHE B 72 -11.56 3.67 9.69
C PHE B 72 -11.97 2.26 10.15
N KCX B 73 -12.19 2.07 11.46
CA KCX B 73 -12.64 0.78 11.96
CB KCX B 73 -12.75 0.76 13.50
CG KCX B 73 -11.38 0.80 14.17
CD KCX B 73 -11.38 0.49 15.66
CE KCX B 73 -9.93 0.31 16.19
NZ KCX B 73 -9.13 1.54 15.93
C KCX B 73 -13.97 0.39 11.31
O KCX B 73 -14.27 -0.80 11.21
CX KCX B 73 -8.32 1.68 14.86
OQ1 KCX B 73 -8.16 0.74 14.05
OQ2 KCX B 73 -7.73 2.75 14.69
N ILE B 74 -14.72 1.37 10.79
CA ILE B 74 -15.96 0.99 10.07
C ILE B 74 -15.66 0.27 8.73
N PRO B 75 -14.99 0.89 7.75
CA PRO B 75 -14.70 0.11 6.53
C PRO B 75 -13.78 -1.07 6.81
N ASN B 76 -12.84 -0.94 7.75
CA ASN B 76 -11.96 -2.07 8.08
C ASN B 76 -12.78 -3.26 8.57
N SER B 77 -13.80 -3.01 9.39
CA SER B 77 -14.67 -4.10 9.86
C SER B 77 -15.40 -4.75 8.69
N LEU B 78 -15.98 -3.91 7.80
CA LEU B 78 -16.72 -4.44 6.66
C LEU B 78 -15.85 -5.37 5.83
N ILE B 79 -14.62 -4.94 5.57
CA ILE B 79 -13.73 -5.71 4.70
C ILE B 79 -13.32 -7.01 5.39
N ALA B 80 -12.99 -6.93 6.68
CA ALA B 80 -12.58 -8.14 7.40
C ALA B 80 -13.71 -9.15 7.44
N LEU B 81 -14.95 -8.71 7.72
CA LEU B 81 -16.07 -9.65 7.74
C LEU B 81 -16.36 -10.19 6.35
N ASP B 82 -16.35 -9.34 5.32
CA ASP B 82 -16.69 -9.83 4.00
C ASP B 82 -15.68 -10.85 3.47
N LEU B 83 -14.41 -10.71 3.85
CA LEU B 83 -13.36 -11.65 3.44
C LEU B 83 -13.25 -12.85 4.36
N GLY B 84 -14.00 -12.90 5.44
CA GLY B 84 -13.84 -13.99 6.38
C GLY B 84 -12.64 -13.87 7.28
N VAL B 85 -11.93 -12.74 7.25
CA VAL B 85 -10.89 -12.51 8.25
C VAL B 85 -11.50 -12.49 9.64
N VAL B 86 -12.72 -11.99 9.78
CA VAL B 86 -13.51 -12.09 10.99
C VAL B 86 -14.74 -12.93 10.65
N LYS B 87 -14.96 -13.99 11.43
CA LYS B 87 -16.06 -14.90 11.13
C LYS B 87 -17.39 -14.24 11.46
N ASP B 88 -17.47 -13.58 12.61
CA ASP B 88 -18.69 -12.91 13.05
C ASP B 88 -18.34 -12.04 14.25
N GLU B 89 -19.36 -11.40 14.81
CA GLU B 89 -19.16 -10.40 15.85
C GLU B 89 -18.91 -11.03 17.22
N HIS B 90 -18.96 -12.35 17.33
CA HIS B 90 -18.71 -13.06 18.57
C HIS B 90 -17.30 -13.63 18.68
N GLN B 91 -16.64 -13.83 17.55
CA GLN B 91 -15.29 -14.41 17.54
C GLN B 91 -14.40 -13.63 18.48
N VAL B 92 -13.66 -14.35 19.31
CA VAL B 92 -12.82 -13.73 20.32
C VAL B 92 -11.41 -13.57 19.77
N PHE B 93 -10.81 -12.41 20.01
CA PHE B 93 -9.41 -12.17 19.63
C PHE B 93 -8.64 -12.00 20.92
N LYS B 94 -7.89 -13.04 21.29
CA LYS B 94 -7.18 -13.00 22.56
C LYS B 94 -6.18 -11.87 22.57
N TRP B 95 -6.06 -11.24 23.72
CA TRP B 95 -4.97 -10.31 23.95
C TRP B 95 -3.63 -10.95 23.59
N ASP B 96 -2.76 -10.20 22.93
CA ASP B 96 -1.47 -10.76 22.52
C ASP B 96 -0.43 -10.75 23.64
N GLY B 97 -0.76 -10.21 24.81
CA GLY B 97 0.13 -10.24 25.94
C GLY B 97 0.98 -9.01 26.13
N GLN B 98 1.10 -8.16 25.11
CA GLN B 98 1.82 -6.90 25.30
C GLN B 98 0.95 -5.94 26.10
N THR B 99 1.44 -5.49 27.25
CA THR B 99 0.73 -4.49 28.04
C THR B 99 0.89 -3.13 27.40
N ARG B 100 -0.21 -2.54 26.95
CA ARG B 100 -0.18 -1.23 26.31
C ARG B 100 -0.75 -0.18 27.27
N ASP B 101 -0.67 1.08 26.84
CA ASP B 101 -0.96 2.21 27.72
C ASP B 101 -2.44 2.43 27.99
N ILE B 102 -3.34 1.79 27.23
CA ILE B 102 -4.78 1.92 27.44
C ILE B 102 -5.29 0.64 28.07
N ALA B 103 -5.87 0.75 29.27
CA ALA B 103 -6.20 -0.42 30.07
C ALA B 103 -7.15 -1.36 29.33
N THR B 104 -8.19 -0.80 28.69
CA THR B 104 -9.18 -1.59 27.97
C THR B 104 -8.60 -2.36 26.79
N TRP B 105 -7.38 -2.04 26.35
CA TRP B 105 -6.74 -2.77 25.26
C TRP B 105 -6.12 -4.07 25.72
N ASN B 106 -5.81 -4.20 27.01
CA ASN B 106 -5.09 -5.35 27.52
C ASN B 106 -6.04 -6.46 27.98
N ARG B 107 -6.85 -6.94 27.03
CA ARG B 107 -7.82 -7.97 27.32
C ARG B 107 -8.31 -8.58 26.02
N ASP B 108 -9.07 -9.65 26.15
CA ASP B 108 -9.69 -10.30 25.01
C ASP B 108 -10.80 -9.42 24.47
N HIS B 109 -11.02 -9.47 23.15
CA HIS B 109 -12.03 -8.66 22.54
C HIS B 109 -12.72 -9.45 21.44
N ASN B 110 -13.95 -9.05 21.14
CA ASN B 110 -14.63 -9.41 19.91
C ASN B 110 -14.78 -8.14 19.08
N LEU B 111 -15.45 -8.27 17.93
CA LEU B 111 -15.63 -7.13 17.04
C LEU B 111 -16.34 -5.98 17.74
N ILE B 112 -17.37 -6.30 18.54
CA ILE B 112 -18.16 -5.27 19.22
C ILE B 112 -17.28 -4.49 20.19
N THR B 113 -16.52 -5.20 21.02
CA THR B 113 -15.78 -4.45 22.03
C THR B 113 -14.52 -3.83 21.46
N ALA B 114 -13.94 -4.43 20.41
CA ALA B 114 -12.75 -3.83 19.79
C ALA B 114 -13.10 -2.52 19.12
N MET B 115 -14.29 -2.43 18.50
CA MET B 115 -14.75 -1.16 17.95
CA MET B 115 -14.71 -1.15 17.96
C MET B 115 -15.06 -0.17 19.08
N LYS B 116 -15.76 -0.63 20.11
CA LYS B 116 -16.15 0.28 21.19
C LYS B 116 -14.93 0.93 21.83
N TYR B 117 -13.89 0.16 22.08
CA TYR B 117 -12.73 0.67 22.79
C TYR B 117 -11.60 1.06 21.85
N SER B 118 -11.90 1.21 20.56
CA SER B 118 -10.93 1.62 19.54
C SER B 118 -9.62 0.84 19.69
N VAL B 119 -9.73 -0.48 19.71
CA VAL B 119 -8.60 -1.35 20.00
C VAL B 119 -7.78 -1.51 18.73
N VAL B 120 -6.91 -0.54 18.47
CA VAL B 120 -6.02 -0.48 17.31
C VAL B 120 -5.33 -1.82 17.05
N PRO B 121 -4.69 -2.47 18.02
CA PRO B 121 -3.90 -3.68 17.68
C PRO B 121 -4.73 -4.82 17.13
N VAL B 122 -5.99 -4.96 17.56
CA VAL B 122 -6.85 -5.98 16.97
C VAL B 122 -7.10 -5.67 15.51
N TYR B 123 -7.42 -4.42 15.20
CA TYR B 123 -7.68 -4.02 13.82
C TYR B 123 -6.41 -4.01 12.97
N GLN B 124 -5.24 -3.79 13.59
CA GLN B 124 -3.99 -3.91 12.83
C GLN B 124 -3.78 -5.35 12.37
N GLU B 125 -4.12 -6.32 13.22
CA GLU B 125 -4.10 -7.72 12.79
C GLU B 125 -5.08 -7.97 11.64
N PHE B 126 -6.31 -7.43 11.73
CA PHE B 126 -7.25 -7.56 10.61
C PHE B 126 -6.61 -7.04 9.33
N ALA B 127 -6.06 -5.83 9.38
CA ALA B 127 -5.53 -5.19 8.17
C ALA B 127 -4.39 -6.01 7.58
N ARG B 128 -3.49 -6.50 8.43
CA ARG B 128 -2.41 -7.34 7.91
C ARG B 128 -2.96 -8.56 7.18
N GLN B 129 -4.03 -9.18 7.72
CA GLN B 129 -4.60 -10.35 7.07
CA GLN B 129 -4.61 -10.36 7.07
C GLN B 129 -5.35 -9.97 5.80
N ILE B 130 -6.04 -8.83 5.82
CA ILE B 130 -6.66 -8.35 4.58
C ILE B 130 -5.61 -8.19 3.49
N GLY B 131 -4.48 -7.57 3.83
CA GLY B 131 -3.41 -7.31 2.87
C GLY B 131 -3.66 -6.06 2.04
N GLU B 132 -2.55 -5.47 1.55
CA GLU B 132 -2.63 -4.20 0.82
C GLU B 132 -3.43 -4.30 -0.48
N ALA B 133 -3.30 -5.41 -1.22
CA ALA B 133 -4.00 -5.48 -2.49
C ALA B 133 -5.52 -5.49 -2.30
N ARG B 134 -6.02 -6.29 -1.37
CA ARG B 134 -7.47 -6.34 -1.14
C ARG B 134 -7.96 -5.08 -0.46
N MET B 135 -7.16 -4.53 0.47
CA MET B 135 -7.49 -3.25 1.11
C MET B 135 -7.75 -2.16 0.08
N SER B 136 -6.81 -1.98 -0.88
CA SER B 136 -6.95 -0.89 -1.84
C SER B 136 -8.13 -1.13 -2.79
N LYS B 137 -8.30 -2.38 -3.24
CA LYS B 137 -9.43 -2.68 -4.12
C LYS B 137 -10.76 -2.39 -3.42
N MET B 138 -10.86 -2.73 -2.12
CA MET B 138 -12.11 -2.52 -1.40
C MET B 138 -12.39 -1.05 -1.17
N LEU B 139 -11.38 -0.28 -0.77
CA LEU B 139 -11.60 1.13 -0.56
C LEU B 139 -11.96 1.84 -1.85
N HIS B 140 -11.42 1.39 -2.98
CA HIS B 140 -11.89 1.94 -4.26
C HIS B 140 -13.35 1.57 -4.50
N ALA B 141 -13.72 0.33 -4.18
CA ALA B 141 -15.10 -0.10 -4.36
C ALA B 141 -16.04 0.68 -3.44
N PHE B 142 -15.57 1.05 -2.25
CA PHE B 142 -16.35 1.85 -1.32
C PHE B 142 -16.40 3.32 -1.68
N ASP B 143 -15.64 3.76 -2.69
CA ASP B 143 -15.56 5.18 -3.01
C ASP B 143 -15.05 5.99 -1.81
N TYR B 144 -14.16 5.40 -1.01
CA TYR B 144 -13.85 5.89 0.34
C TYR B 144 -12.72 6.93 0.33
N GLY B 145 -13.06 8.18 0.64
CA GLY B 145 -12.06 9.23 0.78
C GLY B 145 -11.22 9.35 -0.47
N ASN B 146 -9.92 9.56 -0.30
CA ASN B 146 -9.04 9.60 -1.46
C ASN B 146 -8.56 8.22 -1.89
N GLU B 147 -9.06 7.16 -1.24
CA GLU B 147 -8.83 5.76 -1.62
C GLU B 147 -7.35 5.36 -1.54
N ASP B 148 -6.53 6.10 -0.79
CA ASP B 148 -5.08 5.96 -0.84
C ASP B 148 -4.56 5.27 0.42
N ILE B 149 -3.99 4.07 0.26
CA ILE B 149 -3.51 3.29 1.40
C ILE B 149 -1.98 3.34 1.52
N SER B 150 -1.33 4.34 0.91
CA SER B 150 0.13 4.42 0.98
CA SER B 150 0.13 4.46 0.98
C SER B 150 0.57 4.50 2.44
N GLY B 151 1.69 3.84 2.72
CA GLY B 151 2.14 3.60 4.07
C GLY B 151 1.99 2.13 4.42
N ASN B 152 2.00 1.84 5.72
CA ASN B 152 1.83 0.48 6.18
C ASN B 152 0.36 0.09 6.12
N VAL B 153 0.08 -1.12 5.60
CA VAL B 153 -1.31 -1.57 5.52
C VAL B 153 -1.97 -1.66 6.90
N ASP B 154 -1.19 -1.78 7.98
CA ASP B 154 -1.75 -1.88 9.32
C ASP B 154 -1.60 -0.58 10.11
N SER B 155 -1.35 0.54 9.45
CA SER B 155 -1.35 1.82 10.16
C SER B 155 -1.72 3.01 9.29
N PHE B 156 -2.05 2.80 8.00
CA PHE B 156 -2.19 3.91 7.08
C PHE B 156 -3.31 4.85 7.49
N TRP B 157 -4.34 4.34 8.17
CA TRP B 157 -5.44 5.21 8.61
C TRP B 157 -5.04 6.05 9.82
N LEU B 158 -3.89 5.78 10.42
CA LEU B 158 -3.37 6.63 11.49
C LEU B 158 -2.14 7.44 11.08
N ASP B 159 -1.34 6.95 10.13
CA ASP B 159 -0.14 7.71 9.78
C ASP B 159 0.25 7.54 8.32
N GLY B 160 -0.68 7.16 7.45
CA GLY B 160 -0.37 7.00 6.04
C GLY B 160 -1.03 8.06 5.19
N GLY B 161 -1.35 7.74 3.94
CA GLY B 161 -1.86 8.71 3.02
C GLY B 161 -3.36 8.82 2.86
N ILE B 162 -4.16 8.00 3.54
CA ILE B 162 -5.62 8.06 3.37
C ILE B 162 -6.16 9.35 3.95
N ARG B 163 -7.05 9.99 3.22
CA ARG B 163 -7.71 11.20 3.69
C ARG B 163 -9.19 11.12 3.35
N ILE B 164 -10.02 11.60 4.26
CA ILE B 164 -11.47 11.65 4.04
C ILE B 164 -12.01 12.88 4.72
N SER B 165 -13.01 13.52 4.10
CA SER B 165 -13.68 14.68 4.67
C SER B 165 -14.98 14.28 5.37
N ALA B 166 -15.53 15.24 6.11
CA ALA B 166 -16.79 14.99 6.81
C ALA B 166 -17.93 14.71 5.84
N THR B 167 -18.00 15.42 4.72
CA THR B 167 -19.06 15.09 3.76
C THR B 167 -18.82 13.73 3.13
N GLU B 168 -17.56 13.36 2.93
CA GLU B 168 -17.28 12.04 2.37
C GLU B 168 -17.62 10.93 3.36
N GLN B 169 -17.40 11.16 4.66
CA GLN B 169 -17.90 10.24 5.68
C GLN B 169 -19.41 10.05 5.52
N ILE B 170 -20.14 11.15 5.35
CA ILE B 170 -21.59 11.01 5.27
C ILE B 170 -21.98 10.21 4.03
N SER B 171 -21.30 10.46 2.92
CA SER B 171 -21.59 9.71 1.70
C SER B 171 -21.34 8.22 1.91
N PHE B 172 -20.24 7.87 2.57
CA PHE B 172 -19.98 6.49 2.91
C PHE B 172 -21.06 5.91 3.84
N LEU B 173 -21.35 6.62 4.93
CA LEU B 173 -22.33 6.14 5.90
C LEU B 173 -23.70 5.95 5.30
N ARG B 174 -24.12 6.85 4.38
CA ARG B 174 -25.43 6.69 3.77
C ARG B 174 -25.52 5.40 2.97
N LYS B 175 -24.44 5.03 2.28
CA LYS B 175 -24.41 3.77 1.55
C LYS B 175 -24.51 2.59 2.51
N LEU B 176 -23.71 2.65 3.60
CA LEU B 176 -23.78 1.61 4.63
C LEU B 176 -25.19 1.49 5.19
N TYR B 177 -25.80 2.62 5.57
CA TYR B 177 -27.15 2.59 6.12
C TYR B 177 -28.12 1.87 5.20
N HIS B 178 -28.01 2.10 3.89
CA HIS B 178 -28.92 1.53 2.90
C HIS B 178 -28.47 0.18 2.36
N ASN B 179 -27.37 -0.39 2.89
CA ASN B 179 -26.85 -1.68 2.44
C ASN B 179 -26.40 -1.61 0.98
N LYS B 180 -25.91 -0.44 0.57
CA LYS B 180 -25.53 -0.20 -0.82
C LYS B 180 -24.02 -0.34 -1.06
N LEU B 181 -23.21 -0.52 -0.01
CA LEU B 181 -21.77 -0.71 -0.21
C LEU B 181 -21.50 -2.06 -0.88
N HIS B 182 -20.30 -2.16 -1.46
CA HIS B 182 -19.94 -3.34 -2.26
C HIS B 182 -19.37 -4.45 -1.37
N VAL B 183 -20.20 -4.88 -0.42
CA VAL B 183 -19.95 -6.06 0.42
C VAL B 183 -21.32 -6.69 0.69
N SER B 184 -21.33 -7.87 1.30
CA SER B 184 -22.61 -8.53 1.56
C SER B 184 -23.50 -7.69 2.47
N GLU B 185 -24.82 -7.87 2.33
CA GLU B 185 -25.73 -7.27 3.29
C GLU B 185 -25.36 -7.69 4.72
N ARG B 186 -24.97 -8.96 4.90
CA ARG B 186 -24.62 -9.45 6.24
C ARG B 186 -23.49 -8.64 6.86
N SER B 187 -22.37 -8.48 6.14
CA SER B 187 -21.28 -7.67 6.68
C SER B 187 -21.76 -6.29 7.12
N GLN B 188 -22.59 -5.66 6.29
CA GLN B 188 -23.08 -4.32 6.61
C GLN B 188 -23.99 -4.34 7.84
N ARG B 189 -24.86 -5.34 7.96
CA ARG B 189 -25.69 -5.44 9.15
C ARG B 189 -24.85 -5.65 10.41
N ILE B 190 -23.82 -6.49 10.32
CA ILE B 190 -22.97 -6.74 11.48
C ILE B 190 -22.26 -5.47 11.91
N VAL B 191 -21.75 -4.69 10.94
CA VAL B 191 -20.99 -3.51 11.31
C VAL B 191 -21.91 -2.43 11.89
N LYS B 192 -23.12 -2.27 11.31
CA LYS B 192 -24.07 -1.34 11.90
C LYS B 192 -24.44 -1.75 13.33
N GLN B 193 -24.52 -3.06 13.61
CA GLN B 193 -24.73 -3.50 14.98
C GLN B 193 -23.55 -3.08 15.86
N ALA B 194 -22.33 -3.31 15.37
CA ALA B 194 -21.14 -2.98 16.17
C ALA B 194 -21.04 -1.48 16.45
N MET B 195 -21.55 -0.66 15.54
CA MET B 195 -21.55 0.78 15.70
C MET B 195 -22.49 1.29 16.79
N LEU B 196 -23.40 0.46 17.28
CA LEU B 196 -24.36 0.91 18.31
C LEU B 196 -23.62 1.58 19.46
N THR B 197 -24.01 2.81 19.76
CA THR B 197 -23.35 3.55 20.83
C THR B 197 -24.31 3.94 21.94
N GLU B 198 -25.55 4.30 21.61
CA GLU B 198 -26.51 4.76 22.59
C GLU B 198 -27.91 4.53 22.04
N ALA B 199 -28.85 4.19 22.93
CA ALA B 199 -30.25 4.07 22.51
C ALA B 199 -31.18 4.23 23.69
N ASN B 200 -32.30 4.94 23.47
CA ASN B 200 -33.36 5.00 24.46
C ASN B 200 -34.69 5.14 23.71
N GLY B 201 -35.74 5.52 24.45
CA GLY B 201 -37.04 5.67 23.83
C GLY B 201 -37.09 6.75 22.76
N ASP B 202 -36.14 7.69 22.78
CA ASP B 202 -36.17 8.83 21.87
C ASP B 202 -35.32 8.64 20.61
N TYR B 203 -34.24 7.86 20.67
CA TYR B 203 -33.37 7.78 19.50
C TYR B 203 -32.41 6.61 19.65
N ILE B 204 -31.74 6.33 18.54
CA ILE B 204 -30.60 5.41 18.48
C ILE B 204 -29.45 6.12 17.80
N ILE B 205 -28.26 6.03 18.39
CA ILE B 205 -27.04 6.51 17.75
C ILE B 205 -26.17 5.30 17.42
N ARG B 206 -25.85 5.14 16.14
CA ARG B 206 -24.77 4.27 15.67
C ARG B 206 -23.66 5.18 15.19
N ALA B 207 -22.46 5.01 15.76
CA ALA B 207 -21.40 5.97 15.52
C ALA B 207 -20.05 5.33 15.80
N LYS B 208 -19.00 6.03 15.38
CA LYS B 208 -17.63 5.61 15.64
C LYS B 208 -16.78 6.83 15.92
N THR B 209 -16.07 6.81 17.03
CA THR B 209 -15.16 7.88 17.37
C THR B 209 -13.82 7.69 16.67
N GLY B 210 -13.01 8.73 16.70
CA GLY B 210 -11.68 8.67 16.13
C GLY B 210 -10.81 9.73 16.78
N TYR B 211 -9.51 9.46 16.82
CA TYR B 211 -8.56 10.31 17.52
C TYR B 211 -7.24 10.21 16.76
N SER B 212 -6.92 11.25 15.97
CA SER B 212 -5.71 11.27 15.16
C SER B 212 -4.65 12.06 15.89
N THR B 213 -3.60 11.37 16.36
CA THR B 213 -2.53 12.00 17.11
C THR B 213 -1.15 11.75 16.53
N ARG B 214 -1.03 11.01 15.43
CA ARG B 214 0.29 10.64 14.92
C ARG B 214 0.84 11.66 13.92
N ILE B 215 -0.03 12.37 13.23
CA ILE B 215 0.34 13.38 12.25
C ILE B 215 -0.53 14.60 12.51
N GLU B 216 0.07 15.79 12.48
CA GLU B 216 -0.67 17.02 12.68
C GLU B 216 -1.56 17.29 11.46
N PRO B 217 -2.70 17.95 11.66
CA PRO B 217 -3.25 18.45 12.94
C PRO B 217 -3.91 17.38 13.79
N LYS B 218 -3.57 17.28 15.08
CA LYS B 218 -4.27 16.36 15.98
C LYS B 218 -5.76 16.71 16.06
N ILE B 219 -6.62 15.76 15.66
CA ILE B 219 -8.06 16.01 15.64
C ILE B 219 -8.79 14.85 16.29
N GLY B 220 -10.05 15.13 16.67
CA GLY B 220 -10.98 14.11 17.10
C GLY B 220 -12.12 14.03 16.11
N TRP B 221 -12.66 12.82 15.92
CA TRP B 221 -13.78 12.59 15.00
C TRP B 221 -14.95 11.99 15.76
N TRP B 222 -16.16 12.24 15.24
CA TRP B 222 -17.33 11.42 15.57
C TRP B 222 -18.22 11.38 14.35
N VAL B 223 -18.43 10.17 13.81
CA VAL B 223 -19.23 9.99 12.62
C VAL B 223 -20.25 8.89 12.90
N GLY B 224 -21.42 9.02 12.29
CA GLY B 224 -22.47 8.02 12.44
C GLY B 224 -23.81 8.60 12.01
N TRP B 225 -24.87 8.17 12.70
CA TRP B 225 -26.19 8.73 12.43
C TRP B 225 -27.07 8.54 13.65
N VAL B 226 -28.16 9.31 13.68
CA VAL B 226 -29.17 9.19 14.73
CA VAL B 226 -29.19 9.23 14.73
C VAL B 226 -30.47 8.71 14.08
N GLU B 227 -30.94 7.55 14.51
CA GLU B 227 -32.18 7.00 14.00
C GLU B 227 -33.33 7.52 14.86
N LEU B 228 -34.34 8.09 14.23
CA LEU B 228 -35.59 8.43 14.90
C LEU B 228 -36.71 7.56 14.36
N ASP B 229 -37.89 7.69 14.97
CA ASP B 229 -39.05 6.92 14.51
C ASP B 229 -39.28 7.08 13.02
N ASP B 230 -39.23 8.32 12.53
CA ASP B 230 -39.66 8.59 11.15
C ASP B 230 -38.59 9.25 10.29
N ASN B 231 -37.32 9.23 10.71
CA ASN B 231 -36.24 9.86 9.96
C ASN B 231 -34.92 9.28 10.44
N VAL B 232 -33.85 9.58 9.71
CA VAL B 232 -32.50 9.37 10.21
C VAL B 232 -31.65 10.57 9.82
N TRP B 233 -30.93 11.10 10.79
CA TRP B 233 -30.00 12.20 10.61
C TRP B 233 -28.58 11.63 10.66
N PHE B 234 -27.89 11.69 9.53
CA PHE B 234 -26.48 11.32 9.48
C PHE B 234 -25.64 12.48 10.00
N PHE B 235 -24.55 12.16 10.70
CA PHE B 235 -23.66 13.22 11.14
C PHE B 235 -22.20 12.83 10.94
N ALA B 236 -21.37 13.85 10.71
CA ALA B 236 -19.92 13.69 10.71
C ALA B 236 -19.33 14.96 11.29
N MET B 237 -18.59 14.82 12.37
CA MET B 237 -17.92 15.94 13.00
C MET B 237 -16.42 15.66 13.14
N ASN B 238 -15.63 16.73 13.08
CA ASN B 238 -14.25 16.64 13.57
C ASN B 238 -13.87 17.99 14.18
N MET B 239 -12.81 17.97 14.97
CA MET B 239 -12.46 19.15 15.75
C MET B 239 -10.99 19.03 16.16
N ASP B 240 -10.36 20.18 16.36
CA ASP B 240 -8.96 20.17 16.80
C ASP B 240 -8.87 19.59 18.21
N MET B 241 -7.86 18.76 18.43
CA MET B 241 -7.70 18.03 19.69
C MET B 241 -6.24 18.06 20.10
N PRO B 242 -5.77 19.19 20.65
CA PRO B 242 -4.35 19.28 21.02
C PRO B 242 -3.97 18.45 22.23
N THR B 243 -4.91 18.15 23.13
CA THR B 243 -4.67 17.25 24.25
C THR B 243 -5.84 16.28 24.36
N SER B 244 -5.58 15.14 25.00
CA SER B 244 -6.63 14.14 25.21
C SER B 244 -7.69 14.61 26.19
N ASP B 245 -7.44 15.71 26.90
CA ASP B 245 -8.39 16.20 27.89
C ASP B 245 -9.70 16.62 27.23
N GLY B 246 -9.67 17.02 25.96
CA GLY B 246 -10.88 17.46 25.30
C GLY B 246 -11.67 16.40 24.57
N LEU B 247 -11.38 15.11 24.77
CA LEU B 247 -11.99 14.08 23.93
C LEU B 247 -13.51 14.04 24.10
N GLY B 248 -14.00 14.19 25.33
CA GLY B 248 -15.43 14.19 25.58
C GLY B 248 -16.20 15.23 24.79
N LEU B 249 -15.52 16.28 24.32
CA LEU B 249 -16.21 17.33 23.58
C LEU B 249 -16.72 16.85 22.24
N ARG B 250 -16.14 15.78 21.69
CA ARG B 250 -16.65 15.20 20.45
C ARG B 250 -18.14 14.92 20.56
N GLN B 251 -18.52 14.15 21.58
CA GLN B 251 -19.94 13.82 21.76
C GLN B 251 -20.73 15.03 22.25
N ALA B 252 -20.19 15.78 23.22
CA ALA B 252 -20.94 16.88 23.83
C ALA B 252 -21.32 17.94 22.81
N ILE B 253 -20.34 18.40 22.02
CA ILE B 253 -20.63 19.41 21.02
C ILE B 253 -21.63 18.88 19.98
N THR B 254 -21.48 17.61 19.58
CA THR B 254 -22.43 17.04 18.63
C THR B 254 -23.85 17.03 19.21
N LYS B 255 -23.98 16.60 20.48
CA LYS B 255 -25.31 16.54 21.09
C LYS B 255 -25.91 17.93 21.23
N GLU B 256 -25.07 18.92 21.57
CA GLU B 256 -25.52 20.31 21.59
C GLU B 256 -26.17 20.70 20.27
N VAL B 257 -25.50 20.41 19.15
CA VAL B 257 -26.08 20.73 17.84
C VAL B 257 -27.38 19.96 17.64
N LEU B 258 -27.38 18.67 18.02
CA LEU B 258 -28.57 17.86 17.84
C LEU B 258 -29.73 18.37 18.70
N LYS B 259 -29.42 18.80 19.92
CA LYS B 259 -30.44 19.38 20.78
C LYS B 259 -31.01 20.65 20.15
N GLN B 260 -30.12 21.61 19.83
CA GLN B 260 -30.54 22.86 19.23
C GLN B 260 -31.40 22.61 18.00
N GLU B 261 -31.07 21.59 17.22
CA GLU B 261 -31.87 21.32 16.03
C GLU B 261 -33.11 20.50 16.34
N LYS B 262 -33.39 20.21 17.61
CA LYS B 262 -34.59 19.47 18.01
C LYS B 262 -34.58 18.05 17.44
N ILE B 263 -33.39 17.52 17.16
CA ILE B 263 -33.27 16.14 16.73
C ILE B 263 -33.33 15.19 17.92
N ILE B 264 -32.72 15.57 19.04
CA ILE B 264 -32.85 14.82 20.29
C ILE B 264 -33.24 15.80 21.38
N PRO B 265 -33.76 15.31 22.52
CA PRO B 265 -34.15 16.25 23.57
C PRO B 265 -32.98 16.64 24.48
C BCT C . 1.72 -2.81 -18.54
O1 BCT C . 1.88 -3.99 -19.26
O2 BCT C . 0.94 -1.98 -18.90
O3 BCT C . 2.46 -2.61 -17.38
O25 X6Q D . 2.72 -7.14 -17.39
C10 X6Q D . -0.35 -0.29 -15.63
C11 X6Q D . -1.23 -1.37 -15.67
C14 X6Q D . 4.23 -3.72 -11.12
C15 X6Q D . 4.60 -4.18 -12.40
C16 X6Q D . 3.66 -4.30 -13.42
C12 X6Q D . -1.23 -2.34 -14.67
C13 X6Q D . 2.36 -3.95 -13.07
C17 X6Q D . 4.03 -4.77 -14.77
C18 X6Q D . 5.19 -4.36 -15.42
C19 X6Q D . 5.57 -4.81 -16.67
C20 X6Q D . 6.85 -4.29 -17.32
C02 X6Q D . 2.54 -2.91 -9.43
C03 X6Q D . 2.91 -3.38 -10.79
C04 X6Q D . 1.98 -3.51 -11.80
C06 X6Q D . -0.34 -3.34 -12.46
C07 X6Q D . -0.36 -2.28 -13.57
C08 X6Q D . 0.50 -1.17 -13.56
C09 X6Q D . 0.52 -0.19 -14.56
C23 X6Q D . 4.76 -5.73 -17.35
C24 X6Q D . 3.57 -6.20 -16.76
C26 X6Q D . 3.30 -8.18 -18.17
C27 X6Q D . 2.82 -8.06 -19.66
C29 X6Q D . 1.75 -6.54 -21.41
C31 X6Q D . 3.23 -5.72 -15.48
N28 X6Q D . 2.24 -6.76 -20.04
O01 X6Q D . 3.15 -1.91 -8.95
O05 X6Q D . 0.67 -3.17 -11.48
O21 X6Q D . 6.92 -4.35 -18.55
O22 X6Q D . 7.76 -3.85 -16.54
O30 X6Q D . 2.88 -8.91 -20.47
O32 X6Q D . 1.63 -3.53 -8.84
C BCT E . -7.16 7.71 25.40
O1 BCT E . -6.39 7.88 26.29
O2 BCT E . -6.72 7.65 24.08
O3 BCT E . -8.52 7.57 25.69
O25 X6Q F . -9.08 3.82 24.22
C10 X6Q F . -3.03 9.12 24.01
C11 X6Q F . -3.18 9.00 22.63
C14 X6Q F . -5.46 5.51 18.15
C15 X6Q F . -6.61 5.60 18.97
C16 X6Q F . -6.51 5.56 20.39
C12 X6Q F . -3.00 7.75 22.01
C13 X6Q F . -5.21 5.40 20.88
C17 X6Q F . -7.70 5.65 21.27
C18 X6Q F . -8.72 6.59 21.11
C19 X6Q F . -9.85 6.66 21.94
C20 X6Q F . -10.96 7.75 21.71
C02 X6Q F . -2.96 5.25 17.78
C03 X6Q F . -4.16 5.36 18.69
C04 X6Q F . -4.05 5.31 20.07
C06 X6Q F . -2.52 5.19 22.03
C07 X6Q F . -2.69 6.58 22.72
C08 X6Q F . -2.55 6.74 24.12
C09 X6Q F . -2.72 7.97 24.75
C23 X6Q F . -9.98 5.73 23.00
C24 X6Q F . -9.00 4.76 23.18
C26 X6Q F . -10.37 3.33 24.56
C27 X6Q F . -10.67 3.64 26.06
C29 X6Q F . -10.01 5.08 28.04
C31 X6Q F . -7.89 4.73 22.34
N28 X6Q F . -9.82 4.70 26.64
O01 X6Q F . -2.23 4.25 17.98
O05 X6Q F . -2.75 5.16 20.61
O21 X6Q F . -11.67 8.09 22.68
O22 X6Q F . -11.08 8.23 20.54
O30 X6Q F . -11.48 3.12 26.73
O32 X6Q F . -2.76 6.11 16.90
#